data_5W63
#
_entry.id   5W63
#
_cell.length_a   48.963
_cell.length_b   58.490
_cell.length_c   71.984
_cell.angle_alpha   90.00
_cell.angle_beta   90.00
_cell.angle_gamma   90.00
#
_symmetry.space_group_name_H-M   'P 2 21 21'
#
loop_
_entity.id
_entity.type
_entity.pdbx_description
1 polymer 'Apoptosis regulator bax'
2 non-polymer 'SULFATE ION'
3 non-polymer 1,2-ETHANEDIOL
4 water water
#
_entity_poly.entity_id   1
_entity_poly.type   'polypeptide(L)'
_entity_poly.pdbx_seq_one_letter_code
;MASGEGDGTSNDQILEVGAVLLKDFIYERVHRHGDSGTVVSRHELGGSELSDPTHKKLAQYLQQIGDELDNNVDLQRMLA
DSALQPTKEVFVKVAREIFSDGKFNWGRVVALFYFASRLVIEALLTKIPDIIRTIINWTLDYLREHVINWIREQGGWEGI
QTYFGTPTWKTVGVFLAGVLTTVLVMRKM
;
_entity_poly.pdbx_strand_id   A
#
loop_
_chem_comp.id
_chem_comp.type
_chem_comp.name
_chem_comp.formula
EDO non-polymer 1,2-ETHANEDIOL 'C2 H6 O2'
SO4 non-polymer 'SULFATE ION' 'O4 S -2'
#
# COMPACT_ATOMS: atom_id res chain seq x y z
N THR A 9 -11.37 14.46 3.45
CA THR A 9 -11.60 15.88 3.22
C THR A 9 -11.07 16.71 4.39
N SER A 10 -10.17 16.12 5.16
CA SER A 10 -9.39 16.83 6.18
C SER A 10 -8.18 15.96 6.56
N ASN A 11 -7.17 16.62 7.14
CA ASN A 11 -5.98 15.87 7.52
C ASN A 11 -6.32 14.74 8.47
N ASP A 12 -7.12 15.03 9.50
CA ASP A 12 -7.53 13.98 10.45
C ASP A 12 -8.33 12.90 9.74
N GLN A 13 -9.21 13.29 8.82
CA GLN A 13 -10.02 12.29 8.14
C GLN A 13 -9.20 11.48 7.15
N ILE A 14 -8.19 12.10 6.53
CA ILE A 14 -7.36 11.38 5.58
C ILE A 14 -6.56 10.31 6.30
N LEU A 15 -6.07 10.62 7.51
CA LEU A 15 -5.32 9.64 8.29
C LEU A 15 -6.24 8.57 8.87
N GLU A 16 -7.41 8.97 9.38
CA GLU A 16 -8.40 8.00 9.85
C GLU A 16 -8.85 7.06 8.74
N VAL A 17 -9.00 7.56 7.51
CA VAL A 17 -9.31 6.68 6.38
C VAL A 17 -8.11 5.81 6.06
N GLY A 18 -6.91 6.39 6.10
CA GLY A 18 -5.71 5.59 5.93
C GLY A 18 -5.62 4.45 6.92
N ALA A 19 -5.99 4.72 8.18
CA ALA A 19 -5.92 3.69 9.22
C ALA A 19 -6.83 2.52 8.91
N VAL A 20 -8.07 2.81 8.51
CA VAL A 20 -9.04 1.78 8.20
C VAL A 20 -8.64 1.01 6.95
N LEU A 21 -7.99 1.68 6.00
CA LEU A 21 -7.53 0.98 4.81
C LEU A 21 -6.29 0.15 5.11
N LEU A 22 -5.35 0.72 5.87
CA LEU A 22 -4.15 -0.03 6.24
C LEU A 22 -4.50 -1.26 7.05
N LYS A 23 -5.35 -1.10 8.06
CA LYS A 23 -5.76 -2.25 8.87
C LYS A 23 -6.43 -3.32 8.02
N ASP A 24 -7.41 -2.92 7.21
CA ASP A 24 -8.08 -3.90 6.37
C ASP A 24 -7.12 -4.49 5.34
N PHE A 25 -6.19 -3.69 4.86
CA PHE A 25 -5.17 -4.21 3.95
C PHE A 25 -4.35 -5.31 4.60
N ILE A 26 -3.85 -5.07 5.82
CA ILE A 26 -2.98 -6.07 6.43
C ILE A 26 -3.80 -7.30 6.81
N TYR A 27 -5.03 -7.10 7.27
CA TYR A 27 -5.90 -8.22 7.60
C TYR A 27 -6.08 -9.17 6.41
N GLU A 28 -6.48 -8.62 5.25
CA GLU A 28 -6.64 -9.47 4.06
C GLU A 28 -5.32 -10.07 3.58
N ARG A 29 -4.19 -9.36 3.71
CA ARG A 29 -2.90 -9.97 3.31
C ARG A 29 -2.61 -11.18 4.17
N VAL A 30 -2.81 -11.06 5.49
CA VAL A 30 -2.61 -12.19 6.38
C VAL A 30 -3.67 -13.25 6.12
N HIS A 31 -4.89 -12.81 5.79
CA HIS A 31 -6.03 -13.72 5.67
C HIS A 31 -5.84 -14.69 4.51
N ARG A 32 -5.41 -14.21 3.36
CA ARG A 32 -5.24 -15.07 2.19
C ARG A 32 -3.80 -15.58 2.06
N HIS A 33 -2.97 -15.35 3.07
CA HIS A 33 -1.64 -15.92 3.12
C HIS A 33 -1.72 -17.33 3.70
N THR A 38 -1.31 -19.07 10.42
CA THR A 38 -1.22 -17.77 11.05
C THR A 38 -2.45 -16.90 10.78
N VAL A 39 -3.11 -16.47 11.85
CA VAL A 39 -4.33 -15.68 11.80
C VAL A 39 -4.12 -14.42 12.63
N VAL A 40 -4.68 -13.30 12.16
CA VAL A 40 -4.81 -12.08 12.95
C VAL A 40 -6.21 -11.53 12.75
N SER A 41 -6.84 -11.08 13.83
CA SER A 41 -8.20 -10.59 13.78
C SER A 41 -8.20 -9.07 13.62
N ARG A 42 -9.22 -8.57 12.91
CA ARG A 42 -9.41 -7.13 12.75
C ARG A 42 -9.31 -6.42 14.09
N HIS A 43 -9.95 -6.97 15.12
CA HIS A 43 -9.93 -6.34 16.44
C HIS A 43 -8.50 -6.30 16.99
N GLU A 44 -7.76 -7.41 16.83
CA GLU A 44 -6.33 -7.43 17.13
C GLU A 44 -5.60 -6.27 16.43
N LEU A 45 -5.95 -5.99 15.17
CA LEU A 45 -5.35 -4.90 14.41
C LEU A 45 -5.95 -3.53 14.74
N GLY A 46 -7.07 -3.49 15.43
CA GLY A 46 -7.67 -2.23 15.78
C GLY A 46 -8.62 -1.66 14.76
N GLY A 47 -9.25 -2.51 13.94
CA GLY A 47 -10.17 -2.03 12.93
C GLY A 47 -11.43 -2.89 12.83
N SER A 48 -12.46 -2.29 12.29
CA SER A 48 -13.69 -2.99 11.97
C SER A 48 -13.74 -3.27 10.48
N GLU A 49 -14.57 -4.23 10.09
CA GLU A 49 -14.71 -4.54 8.67
C GLU A 49 -15.39 -3.37 7.98
N LEU A 50 -14.85 -2.99 6.82
CA LEU A 50 -15.33 -1.82 6.09
C LEU A 50 -16.82 -1.95 5.80
N SER A 51 -17.53 -0.84 5.97
CA SER A 51 -18.91 -0.73 5.53
C SER A 51 -19.09 0.24 4.37
N ASP A 52 -18.28 1.29 4.29
CA ASP A 52 -18.37 2.27 3.23
C ASP A 52 -18.08 1.63 1.87
N PRO A 53 -18.93 1.85 0.85
CA PRO A 53 -18.64 1.26 -0.47
C PRO A 53 -17.35 1.79 -1.10
N THR A 54 -17.11 3.10 -1.04
CA THR A 54 -15.87 3.65 -1.57
C THR A 54 -14.67 3.00 -0.91
N HIS A 55 -14.68 2.90 0.43
CA HIS A 55 -13.59 2.23 1.12
C HIS A 55 -13.49 0.78 0.70
N LYS A 56 -14.62 0.08 0.66
CA LYS A 56 -14.58 -1.34 0.30
C LYS A 56 -13.98 -1.53 -1.09
N LYS A 57 -14.35 -0.67 -2.04
CA LYS A 57 -13.86 -0.82 -3.42
C LYS A 57 -12.38 -0.46 -3.54
N LEU A 58 -11.94 0.60 -2.88
CA LEU A 58 -10.52 0.89 -2.87
C LEU A 58 -9.75 -0.22 -2.16
N ALA A 59 -10.33 -0.77 -1.09
CA ALA A 59 -9.69 -1.91 -0.42
C ALA A 59 -9.56 -3.09 -1.37
N GLN A 60 -10.62 -3.40 -2.12
CA GLN A 60 -10.53 -4.46 -3.11
C GLN A 60 -9.47 -4.15 -4.15
N TYR A 61 -9.36 -2.87 -4.51
CA TYR A 61 -8.31 -2.45 -5.43
C TYR A 61 -6.92 -2.67 -4.83
N LEU A 62 -6.70 -2.19 -3.61
CA LEU A 62 -5.40 -2.40 -2.99
C LEU A 62 -5.04 -3.87 -2.93
N GLN A 63 -6.03 -4.76 -2.85
CA GLN A 63 -5.72 -6.18 -2.73
C GLN A 63 -5.14 -6.74 -4.03
N GLN A 64 -5.63 -6.27 -5.18
CA GLN A 64 -5.11 -6.77 -6.45
C GLN A 64 -3.65 -6.38 -6.65
N ILE A 65 -3.27 -5.16 -6.22
CA ILE A 65 -1.86 -4.77 -6.26
C ILE A 65 -1.03 -5.68 -5.37
N GLY A 66 -1.53 -5.97 -4.17
CA GLY A 66 -0.84 -6.92 -3.30
C GLY A 66 -0.61 -8.26 -3.96
N ASP A 67 -1.58 -8.72 -4.77
CA ASP A 67 -1.42 -10.01 -5.42
C ASP A 67 -0.40 -9.93 -6.54
N GLU A 68 -0.35 -8.82 -7.26
CA GLU A 68 0.70 -8.60 -8.25
C GLU A 68 2.06 -8.63 -7.57
N LEU A 69 2.19 -7.98 -6.42
CA LEU A 69 3.47 -7.93 -5.72
C LEU A 69 3.88 -9.31 -5.22
N ASP A 70 2.91 -10.09 -4.69
CA ASP A 70 3.22 -11.45 -4.23
C ASP A 70 3.86 -12.27 -5.34
N ASN A 71 3.53 -11.99 -6.59
CA ASN A 71 4.03 -12.76 -7.72
C ASN A 71 5.34 -12.21 -8.28
N ASN A 72 5.98 -11.29 -7.59
CA ASN A 72 7.32 -10.84 -7.93
C ASN A 72 8.30 -11.66 -7.08
N VAL A 73 8.94 -12.65 -7.70
CA VAL A 73 9.79 -13.56 -6.94
C VAL A 73 10.99 -12.83 -6.35
N ASP A 74 11.53 -11.85 -7.09
CA ASP A 74 12.69 -11.12 -6.59
C ASP A 74 12.34 -10.30 -5.36
N LEU A 75 11.15 -9.68 -5.37
CA LEU A 75 10.65 -9.04 -4.14
C LEU A 75 10.57 -10.05 -3.00
N GLN A 76 9.99 -11.22 -3.27
CA GLN A 76 9.81 -12.21 -2.21
C GLN A 76 11.15 -12.67 -1.64
N ARG A 77 12.16 -12.82 -2.50
CA ARG A 77 13.47 -13.26 -2.03
C ARG A 77 14.10 -12.23 -1.11
N MET A 78 13.87 -10.94 -1.37
CA MET A 78 14.35 -9.90 -0.46
C MET A 78 13.63 -9.98 0.88
N LEU A 79 12.29 -10.04 0.84
CA LEU A 79 11.51 -10.08 2.05
C LEU A 79 11.85 -11.30 2.90
N ALA A 80 12.34 -12.38 2.27
CA ALA A 80 12.77 -13.57 3.00
C ALA A 80 14.19 -13.47 3.54
N ASP A 81 14.97 -12.46 3.11
CA ASP A 81 16.28 -12.26 3.72
C ASP A 81 16.14 -12.22 5.23
N SER A 82 17.09 -12.85 5.91
CA SER A 82 16.99 -12.92 7.37
C SER A 82 17.05 -11.55 8.01
N ALA A 83 17.59 -10.55 7.29
CA ALA A 83 17.63 -9.18 7.79
C ALA A 83 16.25 -8.54 7.84
N LEU A 84 15.31 -9.03 7.04
CA LEU A 84 13.96 -8.51 7.05
C LEU A 84 13.27 -9.02 8.30
N GLN A 85 13.23 -8.19 9.34
CA GLN A 85 12.66 -8.58 10.61
C GLN A 85 11.65 -7.56 11.07
N PRO A 86 10.72 -7.96 11.88
CA PRO A 86 9.63 -7.06 12.29
C PRO A 86 10.06 -6.12 13.41
N THR A 87 10.97 -5.20 13.09
CA THR A 87 11.66 -4.42 14.10
C THR A 87 11.72 -2.96 13.70
N LYS A 88 11.80 -2.10 14.72
CA LYS A 88 11.84 -0.67 14.50
C LYS A 88 12.92 -0.28 13.49
N GLU A 89 14.15 -0.76 13.69
N GLU A 89 14.13 -0.79 13.65
CA GLU A 89 15.24 -0.44 12.79
CA GLU A 89 15.18 -0.32 12.76
C GLU A 89 14.87 -0.74 11.35
C GLU A 89 14.97 -0.78 11.32
N VAL A 90 14.40 -1.96 11.11
CA VAL A 90 14.03 -2.37 9.76
C VAL A 90 12.94 -1.46 9.23
N PHE A 91 11.86 -1.27 10.00
CA PHE A 91 10.79 -0.38 9.54
C PHE A 91 11.32 1.00 9.16
N VAL A 92 12.10 1.61 10.06
CA VAL A 92 12.57 2.99 9.85
C VAL A 92 13.50 3.06 8.64
N LYS A 93 14.45 2.12 8.54
CA LYS A 93 15.36 2.16 7.39
C LYS A 93 14.59 2.04 6.08
N VAL A 94 13.62 1.14 6.04
CA VAL A 94 12.90 0.90 4.78
C VAL A 94 11.95 2.04 4.50
N ALA A 95 11.13 2.42 5.48
CA ALA A 95 10.20 3.53 5.28
C ALA A 95 10.92 4.75 4.74
N ARG A 96 12.07 5.09 5.33
CA ARG A 96 12.77 6.30 4.92
C ARG A 96 13.28 6.17 3.51
N GLU A 97 13.78 4.99 3.16
CA GLU A 97 14.31 4.80 1.81
C GLU A 97 13.18 4.89 0.77
N ILE A 98 11.98 4.41 1.11
CA ILE A 98 10.88 4.49 0.15
C ILE A 98 10.63 5.93 -0.25
N PHE A 99 10.70 6.84 0.70
CA PHE A 99 10.24 8.21 0.47
C PHE A 99 11.37 9.22 0.33
N SER A 100 12.64 8.79 0.34
CA SER A 100 13.73 9.71 0.65
C SER A 100 13.92 10.80 -0.40
N ASP A 101 13.62 10.50 -1.67
CA ASP A 101 13.80 11.47 -2.73
C ASP A 101 12.71 12.54 -2.76
N GLY A 102 11.69 12.45 -1.93
CA GLY A 102 10.60 13.42 -1.89
C GLY A 102 9.63 13.39 -3.07
N LYS A 103 9.92 12.62 -4.12
CA LYS A 103 9.03 12.52 -5.28
C LYS A 103 7.96 11.47 -4.96
N PHE A 104 6.95 11.91 -4.21
CA PHE A 104 5.91 11.00 -3.79
C PHE A 104 4.97 10.68 -4.94
N ASN A 105 4.37 9.50 -4.87
CA ASN A 105 3.36 9.04 -5.81
C ASN A 105 2.68 7.86 -5.15
N TRP A 106 1.51 7.48 -5.66
CA TRP A 106 0.72 6.49 -4.95
C TRP A 106 1.41 5.12 -4.91
N GLY A 107 2.38 4.87 -5.78
CA GLY A 107 3.15 3.65 -5.66
C GLY A 107 4.00 3.62 -4.41
N ARG A 108 4.51 4.78 -4.00
CA ARG A 108 5.25 4.89 -2.75
C ARG A 108 4.39 4.48 -1.58
N VAL A 109 3.17 5.01 -1.52
CA VAL A 109 2.29 4.70 -0.40
C VAL A 109 1.94 3.22 -0.38
N VAL A 110 1.60 2.67 -1.55
CA VAL A 110 1.24 1.25 -1.62
C VAL A 110 2.42 0.39 -1.19
N ALA A 111 3.64 0.75 -1.61
CA ALA A 111 4.82 -0.03 -1.24
C ALA A 111 5.02 -0.03 0.27
N LEU A 112 4.75 1.10 0.93
CA LEU A 112 4.75 1.16 2.40
C LEU A 112 3.67 0.25 2.99
N PHE A 113 2.46 0.31 2.43
CA PHE A 113 1.40 -0.59 2.85
C PHE A 113 1.85 -2.04 2.72
N TYR A 114 2.32 -2.43 1.53
CA TYR A 114 2.70 -3.81 1.31
C TYR A 114 3.83 -4.23 2.24
N PHE A 115 4.82 -3.35 2.42
CA PHE A 115 5.92 -3.63 3.33
C PHE A 115 5.45 -3.79 4.78
N ALA A 116 4.53 -2.93 5.23
CA ALA A 116 3.97 -3.07 6.56
C ALA A 116 3.27 -4.42 6.73
N SER A 117 2.49 -4.83 5.72
CA SER A 117 1.73 -6.08 5.83
C SER A 117 2.66 -7.28 5.99
N ARG A 118 3.88 -7.19 5.45
CA ARG A 118 4.85 -8.27 5.58
C ARG A 118 5.50 -8.28 6.95
N LEU A 119 5.72 -7.12 7.55
CA LEU A 119 6.22 -7.10 8.92
C LEU A 119 5.22 -7.75 9.88
N VAL A 120 3.93 -7.49 9.66
CA VAL A 120 2.89 -8.10 10.46
C VAL A 120 2.87 -9.61 10.27
N ILE A 121 3.02 -10.05 9.03
CA ILE A 121 3.11 -11.49 8.74
C ILE A 121 4.32 -12.09 9.44
N GLU A 122 5.46 -11.40 9.41
CA GLU A 122 6.66 -11.88 10.09
C GLU A 122 6.52 -11.87 11.61
N ALA A 123 5.78 -10.90 12.17
CA ALA A 123 5.53 -10.91 13.61
C ALA A 123 4.67 -12.11 14.00
N LEU A 124 3.69 -12.44 13.17
CA LEU A 124 2.94 -13.68 13.35
C LEU A 124 3.88 -14.89 13.28
N LEU A 125 4.65 -14.98 12.19
CA LEU A 125 5.50 -16.16 12.00
C LEU A 125 6.50 -16.32 13.14
N THR A 126 7.12 -15.22 13.60
CA THR A 126 8.13 -15.30 14.65
C THR A 126 7.55 -15.28 16.06
N LYS A 127 6.22 -15.31 16.19
CA LYS A 127 5.58 -15.50 17.48
C LYS A 127 5.68 -14.25 18.37
N ILE A 128 5.61 -13.07 17.77
CA ILE A 128 5.51 -11.83 18.55
C ILE A 128 4.28 -11.04 18.11
N PRO A 129 3.08 -11.62 18.23
CA PRO A 129 1.86 -10.88 17.84
C PRO A 129 1.69 -9.55 18.57
N ASP A 130 2.31 -9.38 19.74
CA ASP A 130 2.10 -8.19 20.54
C ASP A 130 2.60 -6.91 19.88
N ILE A 131 3.56 -6.97 18.95
CA ILE A 131 4.03 -5.73 18.31
C ILE A 131 3.15 -5.28 17.16
N ILE A 132 2.09 -6.01 16.82
CA ILE A 132 1.41 -5.72 15.57
C ILE A 132 0.81 -4.32 15.56
N ARG A 133 0.17 -3.90 16.66
CA ARG A 133 -0.33 -2.54 16.70
C ARG A 133 0.80 -1.53 16.59
N THR A 134 1.99 -1.91 17.05
CA THR A 134 3.15 -1.03 16.99
C THR A 134 3.64 -0.87 15.55
N ILE A 135 3.74 -1.97 14.80
CA ILE A 135 4.00 -1.92 13.36
C ILE A 135 2.99 -1.00 12.67
N ILE A 136 1.71 -1.20 12.97
CA ILE A 136 0.66 -0.35 12.41
C ILE A 136 0.93 1.12 12.72
N ASN A 137 1.30 1.42 13.97
CA ASN A 137 1.45 2.82 14.35
C ASN A 137 2.72 3.42 13.76
N TRP A 138 3.81 2.65 13.69
CA TRP A 138 4.97 3.10 12.91
C TRP A 138 4.51 3.62 11.56
N THR A 139 3.70 2.82 10.87
CA THR A 139 3.28 3.13 9.50
C THR A 139 2.36 4.34 9.47
N LEU A 140 1.39 4.40 10.39
CA LEU A 140 0.50 5.56 10.43
C LEU A 140 1.26 6.81 10.84
N ASP A 141 2.20 6.69 11.79
CA ASP A 141 2.97 7.85 12.23
C ASP A 141 3.77 8.44 11.08
N TYR A 142 4.42 7.59 10.30
CA TYR A 142 5.22 8.07 9.19
C TYR A 142 4.33 8.83 8.19
N LEU A 143 3.17 8.27 7.85
CA LEU A 143 2.23 8.98 7.00
C LEU A 143 1.82 10.30 7.62
N ARG A 144 1.56 10.30 8.94
CA ARG A 144 1.13 11.50 9.63
C ARG A 144 2.19 12.58 9.59
N GLU A 145 3.45 12.20 9.78
CA GLU A 145 4.52 13.17 9.87
C GLU A 145 5.08 13.60 8.52
N HIS A 146 4.93 12.80 7.47
CA HIS A 146 5.67 13.06 6.25
C HIS A 146 4.86 13.01 4.96
N VAL A 147 3.73 12.31 4.93
CA VAL A 147 3.06 11.98 3.68
C VAL A 147 1.66 12.59 3.57
N ILE A 148 1.13 13.16 4.65
CA ILE A 148 -0.28 13.50 4.72
C ILE A 148 -0.59 14.82 4.00
N ASN A 149 0.34 15.77 3.97
CA ASN A 149 0.15 16.97 3.17
C ASN A 149 0.17 16.65 1.69
N TRP A 150 0.98 15.67 1.28
CA TRP A 150 0.94 15.19 -0.10
C TRP A 150 -0.43 14.62 -0.41
N ILE A 151 -0.91 13.68 0.40
CA ILE A 151 -2.22 13.06 0.15
C ILE A 151 -3.30 14.13 0.09
N ARG A 152 -3.22 15.13 0.96
CA ARG A 152 -4.21 16.20 0.93
C ARG A 152 -4.14 16.97 -0.37
N GLU A 153 -2.93 17.19 -0.90
CA GLU A 153 -2.81 17.83 -2.21
C GLU A 153 -3.45 17.00 -3.30
N GLN A 154 -3.63 15.70 -3.09
CA GLN A 154 -4.40 14.87 -4.00
C GLN A 154 -5.90 14.93 -3.73
N GLY A 155 -6.31 15.66 -2.69
CA GLY A 155 -7.72 15.73 -2.32
C GLY A 155 -8.20 14.53 -1.53
N GLY A 156 -7.30 13.74 -0.95
CA GLY A 156 -7.70 12.57 -0.22
C GLY A 156 -7.12 11.30 -0.82
N TRP A 157 -7.74 10.16 -0.52
CA TRP A 157 -7.34 8.91 -1.14
C TRP A 157 -7.94 8.83 -2.53
N GLU A 158 -7.66 9.88 -3.29
CA GLU A 158 -8.10 10.07 -4.66
C GLU A 158 -6.88 10.05 -5.56
N GLY A 159 -7.11 9.76 -6.83
CA GLY A 159 -6.05 9.75 -7.81
C GLY A 159 -5.35 8.43 -7.95
N ILE A 160 -5.62 7.49 -7.04
CA ILE A 160 -4.99 6.17 -7.03
C ILE A 160 -5.12 5.48 -8.39
N GLN A 161 -6.35 5.23 -8.82
CA GLN A 161 -6.52 4.57 -10.11
C GLN A 161 -6.09 5.45 -11.29
N THR A 162 -6.10 6.78 -11.13
CA THR A 162 -5.50 7.63 -12.15
C THR A 162 -4.00 7.36 -12.28
N TYR A 163 -3.32 7.17 -11.15
CA TYR A 163 -1.88 7.06 -11.21
C TYR A 163 -1.46 5.72 -11.80
N PHE A 164 -2.08 4.64 -11.34
CA PHE A 164 -1.71 3.31 -11.83
C PHE A 164 -2.22 3.04 -13.24
N GLY A 165 -3.23 3.79 -13.70
CA GLY A 165 -3.84 3.53 -14.99
C GLY A 165 -3.28 4.38 -16.12
N THR A 166 -2.86 5.60 -15.83
CA THR A 166 -2.49 6.52 -16.89
C THR A 166 -1.48 5.94 -17.88
N PRO A 167 -0.35 5.37 -17.46
CA PRO A 167 0.65 4.92 -18.43
C PRO A 167 0.10 3.97 -19.48
N THR A 168 -0.85 3.11 -19.13
CA THR A 168 -1.41 2.17 -20.08
C THR A 168 -2.56 2.80 -20.87
N TRP A 169 -3.31 3.73 -20.26
CA TRP A 169 -4.23 4.57 -21.02
C TRP A 169 -3.52 5.23 -22.19
N LYS A 170 -2.31 5.74 -21.96
CA LYS A 170 -1.60 6.43 -23.03
C LYS A 170 -1.31 5.50 -24.19
N THR A 171 -0.91 4.26 -23.91
CA THR A 171 -0.61 3.34 -25.01
C THR A 171 -1.84 3.05 -25.87
N VAL A 172 -3.04 3.19 -25.31
CA VAL A 172 -4.23 3.07 -26.14
C VAL A 172 -4.26 4.20 -27.16
N GLY A 173 -4.03 5.43 -26.69
CA GLY A 173 -4.02 6.57 -27.59
C GLY A 173 -3.00 6.40 -28.69
N VAL A 174 -1.81 5.91 -28.34
CA VAL A 174 -0.78 5.65 -29.34
C VAL A 174 -1.19 4.50 -30.26
N PHE A 175 -1.90 3.51 -29.74
CA PHE A 175 -2.35 2.40 -30.59
C PHE A 175 -3.41 2.86 -31.57
N LEU A 176 -4.38 3.63 -31.09
CA LEU A 176 -5.44 4.10 -31.99
C LEU A 176 -4.87 4.99 -33.08
N ALA A 177 -3.92 5.86 -32.73
CA ALA A 177 -3.33 6.74 -33.71
C ALA A 177 -2.58 5.96 -34.78
N GLY A 178 -1.92 4.87 -34.40
CA GLY A 178 -1.28 4.03 -35.40
C GLY A 178 -2.27 3.29 -36.27
N VAL A 179 -3.38 2.83 -35.69
CA VAL A 179 -4.45 2.28 -36.50
C VAL A 179 -4.88 3.31 -37.55
N LEU A 180 -5.21 4.52 -37.10
CA LEU A 180 -5.65 5.59 -38.01
C LEU A 180 -4.60 5.87 -39.09
N THR A 181 -3.32 5.98 -38.71
CA THR A 181 -2.27 6.14 -39.72
C THR A 181 -2.32 5.03 -40.76
N THR A 182 -2.33 3.78 -40.29
CA THR A 182 -2.39 2.64 -41.18
C THR A 182 -3.55 2.75 -42.16
N VAL A 183 -4.69 3.26 -41.70
CA VAL A 183 -5.96 3.10 -42.40
C VAL A 183 -6.33 4.34 -43.20
N LEU A 184 -6.10 5.53 -42.66
CA LEU A 184 -6.49 6.76 -43.34
C LEU A 184 -5.43 7.32 -44.28
N VAL A 185 -4.15 7.00 -44.05
CA VAL A 185 -3.06 7.57 -44.82
C VAL A 185 -2.57 6.54 -45.83
N MET A 186 -2.64 5.26 -45.47
CA MET A 186 -1.96 4.22 -46.20
C MET A 186 -2.96 3.13 -46.62
S SO4 B . 11.44 9.96 10.88
O1 SO4 B . 10.48 8.90 11.17
O2 SO4 B . 12.48 10.05 11.89
O3 SO4 B . 10.69 11.21 10.85
O4 SO4 B . 12.10 9.71 9.60
S SO4 C . -9.24 7.56 -8.72
O1 SO4 C . -9.67 8.89 -8.28
O2 SO4 C . -8.58 6.91 -7.59
O3 SO4 C . -8.31 7.73 -9.84
O4 SO4 C . -10.40 6.77 -9.16
S SO4 D . -12.76 -9.89 13.71
O1 SO4 D . -12.32 -8.98 14.76
O2 SO4 D . -12.75 -11.27 14.19
O3 SO4 D . -14.11 -9.56 13.28
O4 SO4 D . -11.87 -9.76 12.58
C1 EDO E . 9.69 5.89 -9.52
O1 EDO E . 9.20 7.23 -9.66
C2 EDO E . 9.40 5.44 -8.10
O2 EDO E . 7.98 5.47 -7.87
C1 EDO F . 18.05 12.98 -2.68
O1 EDO F . 17.41 14.26 -2.52
C2 EDO F . 17.61 12.03 -1.58
O2 EDO F . 18.63 11.96 -0.57
C1 EDO G . 6.58 -16.19 -8.77
O1 EDO G . 7.03 -14.93 -9.24
C2 EDO G . 7.75 -17.03 -8.25
O2 EDO G . 8.73 -17.29 -9.25
C1 EDO H . -0.45 -5.88 24.16
O1 EDO H . -0.38 -5.51 22.76
C2 EDO H . 0.95 -6.19 24.70
O2 EDO H . 0.90 -6.74 26.03
#